data_8PWZ
#
_entry.id   8PWZ
#
_cell.length_a   96.646
_cell.length_b   96.646
_cell.length_c   143.921
_cell.angle_alpha   90.0
_cell.angle_beta   90.0
_cell.angle_gamma   120.0
#
_symmetry.space_group_name_H-M   'P 65 2 2'
#
loop_
_entity.id
_entity.type
_entity.pdbx_description
1 polymer 'UPF0336 protein Rv0504c'
2 polymer '(3R)-hydroxyacyl-ACP dehydratase subunit HadB'
3 water water
#
loop_
_entity_poly.entity_id
_entity_poly.type
_entity_poly.pdbx_seq_one_letter_code
_entity_poly.pdbx_strand_id
1 'polypeptide(L)'
;MGSSHHHHHHSSGLVPRGSHMTVPEEAQTLIGKHYRAPDHFLVGREKIREFAVAVKDDHPTHYSEPDAAAAGYPALVAPL
TFLAIAGRRVQLEIFTKFNIPINIARVFHRDQKFRFHRPILANDKLYFDTYLDSVIESHGTVLAEIRSEVTDAEGKPVVT
SVVTMLGEAAHHEADADATVAAIASI
;
A
2 'polypeptide(L)'
;MALREFSSVKVGDQLPEKTYPLTRQDLVNYAGVSGDLNPIHWDDEIAKVVGLDTAIAHGMLTMGIGGGYVTSWVGDPGAV
TEYNVRFTAVVPVPNDGKGAELVFNGRVKSVDPESKSVTIALTATTGGKKIFGRAIASAKLA
;
B
#
# COMPACT_ATOMS: atom_id res chain seq x y z
N LYS A 33 -15.84 -18.27 5.92
CA LYS A 33 -14.54 -18.31 6.60
C LYS A 33 -14.24 -16.99 7.33
N HIS A 34 -14.49 -16.99 8.64
CA HIS A 34 -14.03 -15.93 9.51
C HIS A 34 -12.70 -16.31 10.12
N TYR A 35 -11.83 -15.33 10.33
CA TYR A 35 -10.72 -15.48 11.26
C TYR A 35 -10.44 -14.19 12.02
N ARG A 36 -10.52 -14.29 13.34
CA ARG A 36 -10.19 -13.19 14.23
C ARG A 36 -8.79 -13.38 14.79
N ALA A 37 -7.91 -12.43 14.53
CA ALA A 37 -6.53 -12.51 15.03
C ALA A 37 -6.50 -12.25 16.53
N PRO A 38 -5.88 -13.18 17.28
CA PRO A 38 -5.67 -12.90 18.70
C PRO A 38 -4.64 -11.79 18.85
N ASP A 39 -4.72 -11.02 19.93
CA ASP A 39 -3.82 -9.88 20.14
C ASP A 39 -4.00 -8.81 19.05
N HIS A 40 -3.55 -7.61 19.36
CA HIS A 40 -3.65 -6.49 18.44
C HIS A 40 -2.28 -6.13 17.88
N PHE A 41 -2.26 -5.22 16.92
CA PHE A 41 -1.00 -4.62 16.50
C PHE A 41 -0.94 -3.21 17.05
N LEU A 42 0.12 -2.92 17.79
CA LEU A 42 0.29 -1.60 18.40
C LEU A 42 1.15 -0.68 17.56
N VAL A 43 0.52 0.32 16.94
CA VAL A 43 1.22 1.25 16.07
C VAL A 43 2.28 2.03 16.84
N GLY A 44 3.53 1.79 16.50
CA GLY A 44 4.64 2.49 17.14
C GLY A 44 4.86 3.86 16.53
N ARG A 45 5.23 4.80 17.38
CA ARG A 45 5.60 6.15 16.96
C ARG A 45 6.83 6.11 16.05
N GLU A 46 7.85 5.38 16.49
CA GLU A 46 9.12 5.34 15.78
C GLU A 46 9.08 4.47 14.53
N LYS A 47 8.30 3.40 14.58
CA LYS A 47 8.13 2.53 13.43
C LYS A 47 7.41 3.24 12.28
N ILE A 48 6.55 4.20 12.63
CA ILE A 48 5.90 5.04 11.63
C ILE A 48 6.93 5.83 10.82
N ARG A 49 7.82 6.52 11.52
CA ARG A 49 8.86 7.32 10.88
C ARG A 49 9.76 6.44 10.04
N GLU A 50 10.21 5.35 10.65
CA GLU A 50 11.02 4.33 9.99
C GLU A 50 10.40 3.85 8.68
N PHE A 51 9.09 3.60 8.69
CA PHE A 51 8.39 3.13 7.50
C PHE A 51 8.27 4.21 6.44
N ALA A 52 7.88 5.40 6.87
CA ALA A 52 7.71 6.54 5.97
C ALA A 52 8.96 6.83 5.15
N VAL A 53 10.12 6.68 5.80
CA VAL A 53 11.40 6.82 5.13
C VAL A 53 11.61 5.73 4.08
N ALA A 54 11.18 4.51 4.41
CA ALA A 54 11.36 3.35 3.53
C ALA A 54 10.52 3.47 2.26
N VAL A 55 9.40 4.16 2.34
CA VAL A 55 8.54 4.35 1.18
C VAL A 55 8.62 5.81 0.69
N LYS A 56 9.67 6.49 1.14
CA LYS A 56 10.03 7.84 0.67
C LYS A 56 8.94 8.89 0.86
N ASP A 57 8.05 8.64 1.83
CA ASP A 57 7.07 9.62 2.25
C ASP A 57 7.74 10.60 3.21
N ASP A 58 7.68 11.89 2.87
CA ASP A 58 8.32 12.92 3.69
C ASP A 58 7.31 13.92 4.27
N HIS A 59 6.07 13.49 4.43
CA HIS A 59 5.06 14.39 4.99
C HIS A 59 5.25 14.52 6.49
N PRO A 60 5.44 15.76 6.98
CA PRO A 60 5.74 16.10 8.37
C PRO A 60 4.82 15.48 9.41
N THR A 61 3.61 15.09 9.03
CA THR A 61 2.67 14.49 9.98
C THR A 61 3.11 13.09 10.39
N HIS A 62 4.13 12.56 9.71
CA HIS A 62 4.69 11.26 10.04
C HIS A 62 5.90 11.39 10.94
N TYR A 63 6.52 12.56 10.95
CA TYR A 63 7.82 12.71 11.59
C TYR A 63 7.79 13.57 12.86
N SER A 64 7.12 14.71 12.83
CA SER A 64 7.04 15.56 14.02
C SER A 64 5.62 15.64 14.56
N GLU A 65 5.47 15.34 15.84
CA GLU A 65 4.18 15.37 16.53
C GLU A 65 3.51 16.76 16.55
N PRO A 66 4.28 17.85 16.69
CA PRO A 66 3.61 19.16 16.61
C PRO A 66 2.95 19.42 15.26
N ASP A 67 3.55 18.93 14.18
CA ASP A 67 2.94 19.09 12.85
C ASP A 67 1.65 18.30 12.76
N ALA A 68 1.62 17.16 13.43
CA ALA A 68 0.41 16.35 13.51
C ALA A 68 -0.66 17.13 14.27
N ALA A 69 -0.23 17.86 15.30
CA ALA A 69 -1.14 18.70 16.05
C ALA A 69 -1.67 19.84 15.17
N ALA A 70 -0.79 20.39 14.34
CA ALA A 70 -1.17 21.44 13.41
C ALA A 70 -2.20 20.92 12.41
N ALA A 71 -1.98 19.70 11.93
CA ALA A 71 -2.90 19.08 10.99
C ALA A 71 -4.22 18.73 11.67
N GLY A 72 -4.19 18.67 13.00
CA GLY A 72 -5.38 18.35 13.77
C GLY A 72 -5.40 16.91 14.23
N TYR A 73 -4.22 16.34 14.45
CA TYR A 73 -4.11 14.96 14.90
C TYR A 73 -3.23 14.84 16.15
N PRO A 74 -3.74 14.17 17.18
CA PRO A 74 -3.06 13.98 18.47
C PRO A 74 -1.66 13.39 18.34
N ALA A 75 -1.55 12.26 17.65
CA ALA A 75 -0.26 11.60 17.48
C ALA A 75 0.18 11.62 16.02
N LEU A 76 1.30 10.95 15.73
CA LEU A 76 1.77 10.82 14.37
C LEU A 76 0.80 9.96 13.57
N VAL A 77 0.41 10.41 12.38
CA VAL A 77 -0.45 9.61 11.52
C VAL A 77 0.42 8.69 10.66
N ALA A 78 -0.11 7.52 10.35
CA ALA A 78 0.65 6.51 9.62
C ALA A 78 0.49 6.68 8.10
N PRO A 79 1.55 6.35 7.35
CA PRO A 79 1.47 6.28 5.88
C PRO A 79 0.34 5.37 5.43
N LEU A 80 -0.16 5.60 4.21
CA LEU A 80 -1.35 4.91 3.73
C LEU A 80 -1.21 3.40 3.63
N THR A 81 0.03 2.93 3.44
CA THR A 81 0.27 1.50 3.26
C THR A 81 0.97 0.90 4.47
N PHE A 82 0.84 1.58 5.61
CA PHE A 82 1.47 1.12 6.84
C PHE A 82 0.99 -0.27 7.25
N LEU A 83 -0.25 -0.61 6.86
CA LEU A 83 -0.85 -1.88 7.22
C LEU A 83 -0.10 -3.08 6.66
N ALA A 84 0.77 -2.84 5.69
CA ALA A 84 1.63 -3.89 5.15
C ALA A 84 2.51 -4.46 6.26
N ILE A 85 2.80 -3.63 7.25
CA ILE A 85 3.52 -4.08 8.44
C ILE A 85 2.65 -4.96 9.32
N ALA A 86 1.60 -4.34 9.89
CA ALA A 86 0.64 -5.04 10.73
C ALA A 86 0.06 -6.29 10.07
N GLY A 87 -0.24 -6.17 8.78
CA GLY A 87 -0.89 -7.25 8.05
C GLY A 87 0.05 -8.31 7.53
N ARG A 88 1.34 -8.15 7.83
CA ARG A 88 2.34 -9.15 7.42
C ARG A 88 2.04 -10.49 8.08
N ARG A 89 1.86 -10.47 9.40
CA ARG A 89 1.57 -11.67 10.16
C ARG A 89 0.24 -12.32 9.75
N VAL A 90 -0.74 -11.49 9.41
CA VAL A 90 -2.08 -11.97 9.07
C VAL A 90 -2.07 -12.76 7.77
N GLN A 91 -1.55 -12.17 6.71
CA GLN A 91 -1.60 -12.79 5.39
C GLN A 91 -0.80 -14.09 5.32
N LEU A 92 0.30 -14.15 6.07
CA LEU A 92 1.09 -15.37 6.16
C LEU A 92 0.25 -16.47 6.80
N GLU A 93 -0.55 -16.09 7.79
CA GLU A 93 -1.27 -17.04 8.62
C GLU A 93 -2.59 -17.50 8.02
N ILE A 94 -3.36 -16.57 7.47
CA ILE A 94 -4.71 -16.87 6.99
C ILE A 94 -4.72 -17.82 5.80
N PHE A 95 -3.60 -17.94 5.09
CA PHE A 95 -3.50 -18.84 3.96
C PHE A 95 -3.79 -20.27 4.40
N THR A 96 -3.19 -20.66 5.52
CA THR A 96 -3.36 -21.99 6.07
C THR A 96 -4.75 -22.17 6.69
N LYS A 97 -5.21 -21.15 7.41
CA LYS A 97 -6.48 -21.22 8.13
C LYS A 97 -7.69 -21.21 7.20
N PHE A 98 -7.47 -20.82 5.94
CA PHE A 98 -8.57 -20.73 4.98
C PHE A 98 -8.53 -21.86 3.95
N ASN A 99 -7.43 -22.60 3.93
CA ASN A 99 -7.24 -23.70 2.98
C ASN A 99 -7.43 -23.28 1.53
N ILE A 100 -6.88 -22.13 1.18
CA ILE A 100 -6.91 -21.61 -0.18
C ILE A 100 -6.07 -22.52 -1.08
N PRO A 101 -6.65 -22.99 -2.19
CA PRO A 101 -5.96 -23.91 -3.09
C PRO A 101 -4.93 -23.22 -3.98
N ILE A 102 -3.86 -22.69 -3.40
CA ILE A 102 -2.87 -21.93 -4.16
C ILE A 102 -1.44 -22.34 -3.83
N ASN A 103 -0.59 -22.39 -4.86
CA ASN A 103 0.82 -22.71 -4.72
C ASN A 103 1.66 -21.46 -4.43
N ILE A 104 2.22 -21.37 -3.22
CA ILE A 104 2.97 -20.20 -2.78
C ILE A 104 4.08 -19.80 -3.74
N ALA A 105 4.73 -20.80 -4.34
CA ALA A 105 5.78 -20.57 -5.32
C ALA A 105 5.32 -19.64 -6.44
N ARG A 106 4.12 -19.88 -6.96
CA ARG A 106 3.64 -19.17 -8.14
C ARG A 106 2.55 -18.13 -7.87
N VAL A 107 2.37 -17.75 -6.61
CA VAL A 107 1.29 -16.83 -6.23
C VAL A 107 1.71 -15.36 -6.48
N PHE A 108 0.74 -14.52 -6.79
CA PHE A 108 0.99 -13.13 -7.16
C PHE A 108 -0.03 -12.16 -6.55
N HIS A 109 0.47 -11.05 -6.00
CA HIS A 109 -0.40 -10.04 -5.42
C HIS A 109 -0.93 -9.11 -6.50
N ARG A 110 -2.19 -9.28 -6.84
CA ARG A 110 -2.79 -8.58 -7.98
C ARG A 110 -3.45 -7.26 -7.59
N ASP A 111 -4.09 -7.22 -6.42
CA ASP A 111 -4.93 -6.10 -6.07
C ASP A 111 -4.82 -5.75 -4.58
N GLN A 112 -4.68 -4.46 -4.30
CA GLN A 112 -4.69 -3.96 -2.93
C GLN A 112 -5.65 -2.80 -2.83
N LYS A 113 -6.55 -2.87 -1.85
CA LYS A 113 -7.53 -1.82 -1.64
C LYS A 113 -7.64 -1.44 -0.16
N PHE A 114 -7.54 -0.14 0.11
CA PHE A 114 -7.76 0.38 1.45
C PHE A 114 -8.92 1.37 1.48
N ARG A 115 -9.89 1.11 2.35
CA ARG A 115 -10.87 2.14 2.69
C ARG A 115 -10.50 2.64 4.07
N PHE A 116 -9.88 3.81 4.15
CA PHE A 116 -9.53 4.38 5.43
C PHE A 116 -10.75 5.05 6.03
N HIS A 117 -11.51 4.29 6.83
CA HIS A 117 -12.65 4.83 7.53
C HIS A 117 -12.16 5.92 8.49
N ARG A 118 -11.05 5.61 9.16
CA ARG A 118 -10.45 6.52 10.13
C ARG A 118 -8.93 6.41 10.02
N PRO A 119 -8.22 7.54 10.04
CA PRO A 119 -6.77 7.57 9.94
C PRO A 119 -6.10 6.76 11.04
N ILE A 120 -5.04 6.02 10.69
CA ILE A 120 -4.27 5.29 11.67
C ILE A 120 -3.26 6.22 12.33
N LEU A 121 -3.35 6.34 13.64
CA LEU A 121 -2.44 7.21 14.39
C LEU A 121 -1.55 6.41 15.33
N ALA A 122 -0.44 6.99 15.74
CA ALA A 122 0.45 6.34 16.68
C ALA A 122 -0.31 5.98 17.96
N ASN A 123 0.10 4.86 18.56
CA ASN A 123 -0.50 4.32 19.80
C ASN A 123 -1.90 3.72 19.57
N ASP A 124 -2.32 3.65 18.32
CA ASP A 124 -3.56 2.94 17.99
C ASP A 124 -3.39 1.45 18.25
N LYS A 125 -4.39 0.84 18.87
CA LYS A 125 -4.44 -0.61 18.99
C LYS A 125 -5.27 -1.14 17.83
N LEU A 126 -4.68 -2.01 17.01
CA LEU A 126 -5.35 -2.47 15.79
C LEU A 126 -5.70 -3.95 15.83
N TYR A 127 -7.00 -4.23 15.73
CA TYR A 127 -7.50 -5.61 15.73
C TYR A 127 -7.95 -6.03 14.34
N PHE A 128 -7.75 -7.30 14.02
CA PHE A 128 -8.03 -7.80 12.68
C PHE A 128 -9.10 -8.89 12.61
N ASP A 129 -10.15 -8.61 11.85
CA ASP A 129 -11.14 -9.61 11.49
C ASP A 129 -11.03 -9.86 9.99
N THR A 130 -10.52 -11.03 9.62
CA THR A 130 -10.22 -11.33 8.22
C THR A 130 -11.18 -12.34 7.61
N TYR A 131 -11.84 -11.94 6.53
CA TYR A 131 -12.85 -12.77 5.88
C TYR A 131 -12.43 -13.18 4.46
N LEU A 132 -12.84 -14.38 4.05
CA LEU A 132 -12.61 -14.83 2.68
C LEU A 132 -13.83 -14.58 1.80
N ASP A 133 -13.82 -13.46 1.09
CA ASP A 133 -14.99 -13.02 0.33
C ASP A 133 -15.30 -13.91 -0.87
N SER A 134 -14.27 -14.39 -1.57
CA SER A 134 -14.48 -15.21 -2.76
C SER A 134 -13.25 -15.97 -3.21
N VAL A 135 -13.48 -17.12 -3.83
CA VAL A 135 -12.42 -17.87 -4.50
C VAL A 135 -12.90 -18.25 -5.90
N ILE A 136 -12.07 -17.99 -6.90
CA ILE A 136 -12.36 -18.41 -8.27
C ILE A 136 -11.25 -19.33 -8.76
N GLU A 137 -11.64 -20.48 -9.31
CA GLU A 137 -10.68 -21.46 -9.81
C GLU A 137 -11.01 -21.82 -11.25
N SER A 138 -10.20 -21.31 -12.18
CA SER A 138 -10.38 -21.63 -13.59
C SER A 138 -9.16 -22.39 -14.09
N HIS A 139 -8.92 -22.37 -15.40
CA HIS A 139 -7.81 -23.14 -15.96
C HIS A 139 -6.46 -22.74 -15.36
N GLY A 140 -5.86 -23.66 -14.62
CA GLY A 140 -4.56 -23.46 -14.03
C GLY A 140 -4.54 -22.49 -12.86
N THR A 141 -5.30 -21.40 -12.98
CA THR A 141 -5.16 -20.29 -12.04
C THR A 141 -6.33 -20.08 -11.09
N VAL A 142 -6.00 -19.89 -9.82
CA VAL A 142 -6.97 -19.60 -8.76
C VAL A 142 -6.85 -18.13 -8.34
N LEU A 143 -7.98 -17.44 -8.24
CA LEU A 143 -7.98 -16.05 -7.82
C LEU A 143 -8.73 -15.85 -6.51
N ALA A 144 -8.02 -15.43 -5.47
CA ALA A 144 -8.59 -15.31 -4.13
C ALA A 144 -8.71 -13.87 -3.66
N GLU A 145 -9.86 -13.54 -3.08
CA GLU A 145 -10.12 -12.20 -2.56
C GLU A 145 -10.30 -12.21 -1.05
N ILE A 146 -9.41 -11.52 -0.33
CA ILE A 146 -9.35 -11.61 1.13
C ILE A 146 -9.53 -10.26 1.82
N ARG A 147 -10.54 -10.16 2.69
CA ARG A 147 -10.87 -8.88 3.33
C ARG A 147 -10.54 -8.86 4.83
N SER A 148 -9.74 -7.88 5.23
CA SER A 148 -9.43 -7.67 6.63
C SER A 148 -10.02 -6.36 7.13
N GLU A 149 -10.98 -6.47 8.04
CA GLU A 149 -11.53 -5.29 8.69
C GLU A 149 -10.69 -4.93 9.92
N VAL A 150 -10.10 -3.74 9.91
CA VAL A 150 -9.30 -3.31 11.04
C VAL A 150 -10.13 -2.44 11.97
N THR A 151 -10.22 -2.88 13.23
CA THR A 151 -10.96 -2.17 14.26
C THR A 151 -10.00 -1.70 15.35
N ASP A 152 -10.37 -0.64 16.08
CA ASP A 152 -9.49 -0.13 17.13
C ASP A 152 -9.71 -0.86 18.45
N ALA A 153 -9.12 -0.34 19.52
CA ALA A 153 -9.24 -0.93 20.84
C ALA A 153 -10.71 -1.05 21.27
N GLU A 154 -11.45 0.04 21.07
CA GLU A 154 -12.86 0.07 21.43
C GLU A 154 -13.67 -0.89 20.57
N GLY A 155 -13.36 -0.95 19.27
CA GLY A 155 -14.03 -1.85 18.36
C GLY A 155 -14.71 -1.14 17.21
N LYS A 156 -14.33 0.10 16.97
CA LYS A 156 -14.84 0.85 15.82
C LYS A 156 -13.89 0.73 14.64
N PRO A 157 -14.43 0.60 13.42
CA PRO A 157 -13.64 0.35 12.21
C PRO A 157 -12.59 1.42 11.95
N VAL A 158 -11.41 0.99 11.50
CA VAL A 158 -10.32 1.91 11.17
C VAL A 158 -10.08 1.89 9.66
N VAL A 159 -9.68 0.73 9.16
CA VAL A 159 -9.44 0.54 7.73
C VAL A 159 -10.03 -0.78 7.26
N THR A 160 -10.65 -0.76 6.09
CA THR A 160 -11.06 -2.00 5.42
C THR A 160 -10.06 -2.32 4.32
N SER A 161 -9.29 -3.40 4.51
CA SER A 161 -8.26 -3.78 3.57
C SER A 161 -8.66 -5.01 2.77
N VAL A 162 -8.66 -4.88 1.45
CA VAL A 162 -8.98 -6.01 0.58
C VAL A 162 -7.77 -6.41 -0.26
N VAL A 163 -7.41 -7.69 -0.18
CA VAL A 163 -6.28 -8.25 -0.91
C VAL A 163 -6.79 -9.22 -1.95
N THR A 164 -6.16 -9.25 -3.12
CA THR A 164 -6.51 -10.20 -4.15
C THR A 164 -5.28 -10.97 -4.61
N MET A 165 -5.14 -12.19 -4.11
CA MET A 165 -4.04 -13.06 -4.51
C MET A 165 -4.43 -13.81 -5.78
N LEU A 166 -3.47 -13.93 -6.69
CA LEU A 166 -3.64 -14.70 -7.92
C LEU A 166 -2.56 -15.75 -7.95
N GLY A 167 -2.93 -17.00 -8.22
CA GLY A 167 -1.96 -18.08 -8.13
C GLY A 167 -2.23 -19.31 -8.96
N GLU A 168 -1.27 -20.23 -8.91
CA GLU A 168 -1.37 -21.52 -9.57
C GLU A 168 -2.10 -22.51 -8.65
N ALA A 169 -3.08 -23.21 -9.20
CA ALA A 169 -3.97 -24.07 -8.41
C ALA A 169 -3.24 -25.25 -7.77
N ALA A 170 -3.73 -25.67 -6.61
CA ALA A 170 -3.19 -26.83 -5.90
C ALA A 170 -4.12 -28.02 -6.00
N HIS A 171 -5.42 -27.78 -5.79
CA HIS A 171 -6.43 -28.83 -5.98
C HIS A 171 -7.59 -28.30 -6.81
N ALA B 2 -1.52 21.16 5.54
CA ALA B 2 -1.90 21.99 4.42
C ALA B 2 -2.97 21.32 3.57
N LEU B 3 -3.95 20.72 4.23
CA LEU B 3 -5.11 20.18 3.54
C LEU B 3 -5.71 21.27 2.67
N ARG B 4 -5.78 21.03 1.37
CA ARG B 4 -6.32 22.05 0.48
C ARG B 4 -7.85 22.03 0.53
N GLU B 5 -8.45 23.18 0.28
CA GLU B 5 -9.90 23.30 0.30
C GLU B 5 -10.49 22.64 -0.95
N PHE B 6 -11.74 22.21 -0.84
CA PHE B 6 -12.42 21.52 -1.93
C PHE B 6 -12.56 22.43 -3.16
N SER B 7 -12.72 23.73 -2.90
CA SER B 7 -12.97 24.71 -3.94
C SER B 7 -11.78 24.91 -4.87
N SER B 8 -10.58 24.72 -4.32
CA SER B 8 -9.35 24.88 -5.10
C SER B 8 -9.29 23.88 -6.25
N VAL B 9 -9.33 22.59 -5.92
CA VAL B 9 -9.23 21.56 -6.96
C VAL B 9 -10.58 21.30 -7.61
N LYS B 10 -10.56 20.89 -8.87
CA LYS B 10 -11.77 20.55 -9.60
C LYS B 10 -11.40 19.61 -10.74
N VAL B 11 -12.39 18.90 -11.25
CA VAL B 11 -12.18 17.82 -12.22
C VAL B 11 -11.38 18.25 -13.43
N GLY B 12 -10.37 17.44 -13.75
CA GLY B 12 -9.59 17.65 -14.94
C GLY B 12 -8.21 18.14 -14.57
N ASP B 13 -8.05 18.51 -13.29
CA ASP B 13 -6.78 19.01 -12.78
C ASP B 13 -5.68 17.96 -12.83
N GLN B 14 -4.75 18.14 -13.77
CA GLN B 14 -3.59 17.27 -13.85
C GLN B 14 -2.68 17.51 -12.65
N LEU B 15 -2.06 16.44 -12.14
CA LEU B 15 -1.21 16.54 -10.96
C LEU B 15 0.28 16.51 -11.32
N PRO B 16 1.07 17.35 -10.64
CA PRO B 16 2.50 17.51 -10.91
C PRO B 16 3.26 16.19 -10.82
N GLU B 17 4.06 15.90 -11.84
CA GLU B 17 4.80 14.67 -11.94
C GLU B 17 6.05 14.66 -11.05
N LYS B 18 6.16 13.64 -10.21
CA LYS B 18 7.37 13.42 -9.42
C LYS B 18 8.07 12.15 -9.92
N THR B 19 9.40 12.18 -9.96
CA THR B 19 10.17 11.02 -10.39
C THR B 19 11.02 10.48 -9.24
N TYR B 20 10.58 9.35 -8.68
CA TYR B 20 11.23 8.73 -7.53
C TYR B 20 12.35 7.78 -7.94
N PRO B 21 13.59 8.07 -7.52
CA PRO B 21 14.66 7.10 -7.79
C PRO B 21 14.57 5.93 -6.83
N LEU B 22 15.01 4.75 -7.27
CA LEU B 22 14.85 3.55 -6.47
C LEU B 22 16.06 2.62 -6.61
N THR B 23 16.89 2.56 -5.57
CA THR B 23 18.12 1.79 -5.61
C THR B 23 17.94 0.40 -4.99
N ARG B 24 18.97 -0.44 -5.12
CA ARG B 24 18.92 -1.78 -4.56
C ARG B 24 18.96 -1.72 -3.04
N GLN B 25 19.56 -0.67 -2.51
CA GLN B 25 19.63 -0.44 -1.08
C GLN B 25 18.24 -0.13 -0.51
N ASP B 26 17.42 0.54 -1.33
CA ASP B 26 16.05 0.85 -0.93
C ASP B 26 15.21 -0.41 -0.84
N LEU B 27 15.63 -1.45 -1.58
CA LEU B 27 14.91 -2.71 -1.58
C LEU B 27 15.31 -3.57 -0.38
N VAL B 28 16.56 -3.44 0.04
CA VAL B 28 17.03 -4.15 1.22
C VAL B 28 16.43 -3.54 2.49
N ASN B 29 16.42 -2.22 2.57
CA ASN B 29 15.80 -1.53 3.69
C ASN B 29 14.34 -1.94 3.83
N TYR B 30 13.60 -1.94 2.73
CA TYR B 30 12.18 -2.28 2.79
C TYR B 30 11.96 -3.74 3.19
N ALA B 31 12.86 -4.61 2.76
CA ALA B 31 12.77 -6.02 3.12
C ALA B 31 12.71 -6.18 4.63
N GLY B 32 13.62 -5.49 5.32
CA GLY B 32 13.69 -5.56 6.78
C GLY B 32 12.58 -4.79 7.49
N VAL B 33 12.32 -3.57 7.05
CA VAL B 33 11.23 -2.76 7.63
C VAL B 33 9.89 -3.47 7.58
N SER B 34 9.60 -4.07 6.42
CA SER B 34 8.31 -4.71 6.18
C SER B 34 8.27 -6.15 6.66
N GLY B 35 9.43 -6.80 6.68
CA GLY B 35 9.48 -8.20 7.06
C GLY B 35 9.23 -9.08 5.85
N ASP B 36 9.20 -8.49 4.66
CA ASP B 36 9.12 -9.29 3.44
C ASP B 36 10.53 -9.58 2.93
N LEU B 37 11.02 -10.79 3.24
CA LEU B 37 12.38 -11.15 2.95
C LEU B 37 12.51 -12.04 1.71
N ASN B 38 11.55 -11.92 0.80
CA ASN B 38 11.58 -12.71 -0.43
C ASN B 38 12.78 -12.33 -1.28
N PRO B 39 13.67 -13.29 -1.52
CA PRO B 39 14.95 -13.14 -2.24
C PRO B 39 14.83 -12.52 -3.64
N ILE B 40 13.67 -12.60 -4.27
CA ILE B 40 13.52 -12.04 -5.61
C ILE B 40 13.70 -10.52 -5.60
N HIS B 41 13.60 -9.94 -4.42
CA HIS B 41 13.69 -8.49 -4.29
C HIS B 41 15.10 -8.03 -3.91
N TRP B 42 16.03 -8.97 -3.75
CA TRP B 42 17.40 -8.59 -3.39
C TRP B 42 18.48 -9.61 -3.76
N ASP B 43 18.10 -10.72 -4.39
CA ASP B 43 19.08 -11.65 -4.95
C ASP B 43 18.78 -11.89 -6.43
N ASP B 44 19.69 -11.45 -7.29
CA ASP B 44 19.52 -11.55 -8.73
C ASP B 44 19.46 -13.00 -9.22
N GLU B 45 20.36 -13.83 -8.73
CA GLU B 45 20.42 -15.21 -9.16
C GLU B 45 19.13 -15.97 -8.84
N ILE B 46 18.45 -15.55 -7.78
CA ILE B 46 17.14 -16.10 -7.44
C ILE B 46 16.08 -15.52 -8.39
N ALA B 47 16.27 -14.27 -8.80
CA ALA B 47 15.33 -13.62 -9.70
C ALA B 47 15.30 -14.29 -11.07
N LYS B 48 16.44 -14.79 -11.51
CA LYS B 48 16.55 -15.38 -12.85
C LYS B 48 16.07 -16.82 -12.88
N VAL B 49 16.22 -17.52 -11.76
CA VAL B 49 15.71 -18.88 -11.63
C VAL B 49 14.20 -18.90 -11.85
N VAL B 50 13.50 -17.95 -11.24
CA VAL B 50 12.06 -17.84 -11.42
C VAL B 50 11.75 -17.19 -12.77
N GLY B 51 12.79 -16.68 -13.42
CA GLY B 51 12.66 -16.21 -14.80
C GLY B 51 12.66 -14.70 -15.00
N LEU B 52 13.35 -13.98 -14.13
CA LEU B 52 13.44 -12.53 -14.26
C LEU B 52 14.85 -12.06 -14.63
N ASP B 53 14.94 -10.88 -15.22
CA ASP B 53 16.23 -10.29 -15.54
C ASP B 53 17.04 -10.05 -14.27
N THR B 54 16.59 -9.08 -13.48
CA THR B 54 17.24 -8.76 -12.21
C THR B 54 16.24 -8.82 -11.06
N ALA B 55 16.69 -8.45 -9.86
CA ALA B 55 15.82 -8.37 -8.71
C ALA B 55 14.83 -7.23 -8.91
N ILE B 56 13.64 -7.38 -8.34
CA ILE B 56 12.58 -6.39 -8.54
C ILE B 56 12.14 -5.71 -7.24
N ALA B 57 11.58 -4.52 -7.36
CA ALA B 57 11.02 -3.82 -6.21
C ALA B 57 9.81 -4.56 -5.67
N HIS B 58 9.56 -4.41 -4.38
CA HIS B 58 8.38 -5.00 -3.77
C HIS B 58 7.15 -4.33 -4.34
N GLY B 59 6.05 -5.07 -4.45
CA GLY B 59 4.81 -4.49 -4.92
C GLY B 59 4.34 -3.38 -4.00
N MET B 60 4.41 -3.63 -2.69
CA MET B 60 3.87 -2.68 -1.71
C MET B 60 4.84 -1.55 -1.40
N LEU B 61 6.10 -1.69 -1.83
CA LEU B 61 7.02 -0.57 -1.78
C LEU B 61 6.57 0.49 -2.79
N THR B 62 6.24 0.02 -4.00
CA THR B 62 5.86 0.91 -5.09
C THR B 62 4.54 1.64 -4.79
N MET B 63 3.56 0.90 -4.29
CA MET B 63 2.28 1.48 -3.88
C MET B 63 2.47 2.40 -2.69
N GLY B 64 3.35 2.01 -1.78
CA GLY B 64 3.66 2.82 -0.61
C GLY B 64 4.24 4.17 -0.99
N ILE B 65 5.18 4.16 -1.94
CA ILE B 65 5.70 5.39 -2.52
C ILE B 65 4.56 6.25 -3.05
N GLY B 66 3.63 5.60 -3.75
CA GLY B 66 2.47 6.26 -4.32
C GLY B 66 1.66 7.03 -3.29
N GLY B 67 1.54 6.46 -2.09
CA GLY B 67 0.84 7.11 -1.00
C GLY B 67 1.47 8.44 -0.67
N GLY B 68 2.79 8.50 -0.70
CA GLY B 68 3.50 9.74 -0.48
C GLY B 68 3.17 10.76 -1.56
N TYR B 69 3.23 10.31 -2.81
CA TYR B 69 2.90 11.16 -3.95
C TYR B 69 1.51 11.75 -3.86
N VAL B 70 0.58 10.98 -3.30
CA VAL B 70 -0.79 11.45 -3.13
C VAL B 70 -0.94 12.29 -1.86
N THR B 71 -0.35 11.83 -0.76
CA THR B 71 -0.52 12.49 0.53
C THR B 71 0.06 13.91 0.54
N SER B 72 1.08 14.16 -0.28
CA SER B 72 1.70 15.47 -0.36
C SER B 72 0.76 16.47 -0.99
N TRP B 73 0.16 16.07 -2.11
CA TRP B 73 -0.75 16.92 -2.85
C TRP B 73 -2.03 17.23 -2.06
N VAL B 74 -2.58 16.21 -1.42
CA VAL B 74 -3.76 16.36 -0.57
C VAL B 74 -3.44 17.27 0.61
N GLY B 75 -2.21 17.15 1.13
CA GLY B 75 -1.77 18.01 2.21
C GLY B 75 -1.92 17.37 3.58
N ASP B 76 -2.69 16.27 3.63
CA ASP B 76 -2.96 15.60 4.89
C ASP B 76 -3.26 14.11 4.66
N PRO B 77 -2.41 13.24 5.22
CA PRO B 77 -2.58 11.79 5.11
C PRO B 77 -3.92 11.34 5.69
N GLY B 78 -4.29 11.93 6.82
CA GLY B 78 -5.54 11.59 7.48
C GLY B 78 -6.76 11.96 6.66
N ALA B 79 -6.54 12.74 5.60
CA ALA B 79 -7.65 13.16 4.74
C ALA B 79 -7.98 12.10 3.70
N VAL B 80 -7.00 11.27 3.33
CA VAL B 80 -7.21 10.24 2.30
C VAL B 80 -8.21 9.21 2.80
N THR B 81 -9.24 8.96 1.99
CA THR B 81 -10.33 8.06 2.37
C THR B 81 -10.19 6.68 1.75
N GLU B 82 -9.68 6.63 0.51
CA GLU B 82 -9.44 5.36 -0.14
C GLU B 82 -8.18 5.40 -1.01
N TYR B 83 -7.50 4.25 -1.07
CA TYR B 83 -6.31 4.09 -1.91
C TYR B 83 -6.31 2.67 -2.46
N ASN B 84 -6.59 2.55 -3.75
CA ASN B 84 -6.74 1.25 -4.37
C ASN B 84 -5.83 1.09 -5.60
N VAL B 85 -5.16 -0.05 -5.70
CA VAL B 85 -4.21 -0.29 -6.79
C VAL B 85 -4.23 -1.74 -7.26
N ARG B 86 -4.20 -1.94 -8.58
CA ARG B 86 -3.93 -3.26 -9.15
C ARG B 86 -2.51 -3.28 -9.72
N PHE B 87 -1.75 -4.32 -9.40
CA PHE B 87 -0.38 -4.43 -9.88
C PHE B 87 -0.29 -5.17 -11.21
N THR B 88 0.01 -4.44 -12.27
CA THR B 88 0.09 -5.02 -13.60
C THR B 88 1.49 -5.56 -13.93
N ALA B 89 2.52 -4.83 -13.53
CA ALA B 89 3.89 -5.21 -13.92
C ALA B 89 4.89 -5.12 -12.77
N VAL B 90 6.14 -5.44 -13.05
CA VAL B 90 7.19 -5.42 -12.05
C VAL B 90 8.20 -4.29 -12.31
N VAL B 91 8.81 -3.81 -11.24
CA VAL B 91 9.80 -2.74 -11.34
C VAL B 91 11.20 -3.29 -11.04
N PRO B 92 11.96 -3.63 -12.08
CA PRO B 92 13.29 -4.21 -11.87
C PRO B 92 14.28 -3.17 -11.35
N VAL B 93 15.07 -3.54 -10.34
CA VAL B 93 16.05 -2.64 -9.75
C VAL B 93 17.44 -3.27 -9.74
N PRO B 94 18.25 -2.96 -10.76
CA PRO B 94 19.58 -3.56 -10.90
C PRO B 94 20.58 -3.00 -9.90
N ASN B 95 21.49 -3.84 -9.43
CA ASN B 95 22.57 -3.36 -8.56
C ASN B 95 23.68 -2.78 -9.44
N ASP B 96 23.38 -1.66 -10.08
CA ASP B 96 24.30 -1.04 -11.03
C ASP B 96 24.75 0.36 -10.58
N GLY B 97 24.36 0.74 -9.37
CA GLY B 97 24.73 2.04 -8.84
C GLY B 97 23.83 3.16 -9.33
N LYS B 98 22.84 2.81 -10.14
CA LYS B 98 21.85 3.80 -10.57
C LYS B 98 20.45 3.36 -10.14
N GLY B 99 20.15 2.08 -10.36
CA GLY B 99 18.86 1.53 -10.00
C GLY B 99 17.80 1.85 -11.03
N ALA B 100 16.64 2.29 -10.56
CA ALA B 100 15.53 2.62 -11.45
C ALA B 100 14.76 3.86 -10.98
N GLU B 101 13.84 4.32 -11.82
CA GLU B 101 13.05 5.51 -11.52
C GLU B 101 11.55 5.27 -11.69
N LEU B 102 10.77 5.67 -10.69
CA LEU B 102 9.32 5.61 -10.79
C LEU B 102 8.76 6.98 -11.12
N VAL B 103 8.14 7.10 -12.28
CA VAL B 103 7.51 8.34 -12.68
C VAL B 103 6.02 8.32 -12.32
N PHE B 104 5.62 9.16 -11.38
CA PHE B 104 4.24 9.22 -10.94
C PHE B 104 3.48 10.38 -11.56
N ASN B 105 2.21 10.14 -11.88
CA ASN B 105 1.34 11.17 -12.41
C ASN B 105 -0.08 11.00 -11.88
N GLY B 106 -0.87 12.06 -11.97
CA GLY B 106 -2.22 12.04 -11.43
C GLY B 106 -3.17 13.02 -12.06
N ARG B 107 -4.46 12.69 -12.02
CA ARG B 107 -5.50 13.53 -12.59
C ARG B 107 -6.82 13.35 -11.84
N VAL B 108 -7.38 14.45 -11.35
CA VAL B 108 -8.67 14.41 -10.68
C VAL B 108 -9.75 14.06 -11.70
N LYS B 109 -10.52 13.01 -11.41
CA LYS B 109 -11.51 12.50 -12.34
C LYS B 109 -12.92 12.64 -11.80
N SER B 110 -13.03 13.08 -10.55
CA SER B 110 -14.31 13.12 -9.87
C SER B 110 -14.31 14.05 -8.67
N VAL B 111 -15.37 14.84 -8.53
CA VAL B 111 -15.60 15.63 -7.32
C VAL B 111 -17.05 15.52 -6.87
N ASP B 112 -17.25 15.40 -5.56
CA ASP B 112 -18.58 15.43 -4.98
C ASP B 112 -18.66 16.59 -4.02
N PRO B 113 -19.21 17.74 -4.48
CA PRO B 113 -19.23 18.97 -3.68
C PRO B 113 -20.04 18.86 -2.39
N GLU B 114 -21.05 18.01 -2.35
CA GLU B 114 -21.77 17.79 -1.09
C GLU B 114 -20.81 17.16 -0.09
N SER B 115 -20.15 16.09 -0.51
CA SER B 115 -19.03 15.55 0.24
C SER B 115 -17.86 16.52 0.11
N LYS B 116 -16.71 16.17 0.68
CA LYS B 116 -15.50 16.93 0.40
C LYS B 116 -14.58 16.05 -0.41
N SER B 117 -15.18 15.05 -1.04
CA SER B 117 -14.45 13.98 -1.71
C SER B 117 -13.96 14.39 -3.10
N VAL B 118 -12.72 14.02 -3.39
CA VAL B 118 -12.10 14.23 -4.68
C VAL B 118 -11.34 12.95 -5.05
N THR B 119 -11.44 12.50 -6.29
CA THR B 119 -10.82 11.25 -6.67
C THR B 119 -9.74 11.43 -7.74
N ILE B 120 -8.55 10.94 -7.44
CA ILE B 120 -7.40 11.05 -8.33
C ILE B 120 -7.08 9.72 -9.00
N ALA B 121 -6.99 9.74 -10.33
CA ALA B 121 -6.48 8.59 -11.06
C ALA B 121 -4.97 8.68 -11.13
N LEU B 122 -4.27 7.57 -10.88
CA LEU B 122 -2.81 7.60 -10.81
C LEU B 122 -2.16 6.74 -11.89
N THR B 123 -0.94 7.11 -12.25
CA THR B 123 -0.18 6.42 -13.28
C THR B 123 1.29 6.38 -12.90
N ALA B 124 1.79 5.18 -12.63
CA ALA B 124 3.20 5.00 -12.29
C ALA B 124 3.92 4.19 -13.38
N THR B 125 5.09 4.66 -13.79
CA THR B 125 5.82 4.05 -14.91
C THR B 125 7.30 3.84 -14.62
N THR B 126 7.86 2.76 -15.17
CA THR B 126 9.31 2.55 -15.16
C THR B 126 9.80 2.29 -16.58
N GLY B 127 10.61 3.21 -17.10
CA GLY B 127 11.05 3.12 -18.47
C GLY B 127 9.90 3.21 -19.44
N GLY B 128 8.83 3.88 -19.03
CA GLY B 128 7.66 4.04 -19.87
C GLY B 128 6.54 3.06 -19.57
N LYS B 129 6.91 1.79 -19.33
CA LYS B 129 5.94 0.76 -19.00
C LYS B 129 5.22 1.10 -17.70
N LYS B 130 3.90 1.00 -17.71
CA LYS B 130 3.11 1.29 -16.53
C LYS B 130 3.06 0.08 -15.61
N ILE B 131 3.17 0.32 -14.31
CA ILE B 131 3.22 -0.77 -13.34
C ILE B 131 1.88 -1.00 -12.65
N PHE B 132 1.02 0.01 -12.68
CA PHE B 132 -0.32 -0.12 -12.12
C PHE B 132 -1.40 -0.14 -13.20
N GLY B 133 -2.44 -0.93 -12.96
CA GLY B 133 -3.65 -0.80 -13.73
C GLY B 133 -4.48 0.30 -13.10
N ARG B 134 -5.72 -0.02 -12.77
CA ARG B 134 -6.60 0.94 -12.11
C ARG B 134 -6.08 1.32 -10.73
N ALA B 135 -5.59 2.54 -10.63
CA ALA B 135 -4.98 3.04 -9.39
C ALA B 135 -5.54 4.40 -9.01
N ILE B 136 -6.40 4.44 -7.99
CA ILE B 136 -7.07 5.66 -7.59
C ILE B 136 -6.86 6.03 -6.13
N ALA B 137 -7.16 7.28 -5.80
CA ALA B 137 -7.13 7.76 -4.43
C ALA B 137 -8.26 8.77 -4.22
N SER B 138 -8.75 8.85 -2.99
CA SER B 138 -9.83 9.79 -2.65
C SER B 138 -9.64 10.39 -1.26
N ALA B 139 -10.06 11.64 -1.07
CA ALA B 139 -9.80 12.32 0.18
C ALA B 139 -10.84 13.40 0.49
N LYS B 140 -11.09 13.61 1.78
CA LYS B 140 -12.02 14.67 2.21
C LYS B 140 -11.27 16.01 2.36
N LEU B 141 -11.66 16.99 1.55
CA LEU B 141 -11.03 18.30 1.60
C LEU B 141 -11.88 19.38 2.26
#